data_5SB1
#
_entry.id   5SB1
#
_cell.length_a   62.102
_cell.length_b   74.248
_cell.length_c   76.686
_cell.angle_alpha   90.000
_cell.angle_beta   90.000
_cell.angle_gamma   90.000
#
_symmetry.space_group_name_H-M   'P 21 21 21'
#
loop_
_entity.id
_entity.type
_entity.pdbx_description
1 polymer 'Epithelial discoidin domain-containing receptor 1'
2 non-polymer 4-chloro-N-[(3S,4R)-4-phenylpyrrolidin-3-yl]-3-{[(1H-pyrrolo[2,3-b]pyridin-5-yl)oxy]methyl}benzamide
3 non-polymer 'SULFATE ION'
4 water water
#
_entity_poly.entity_id   1
_entity_poly.type   'polypeptide(L)'
_entity_poly.pdbx_seq_one_letter_code
;PGAVGDGPPRVDFPRSRLRFKEKLGEGQFGEVHLCEVDSPQDLVSLDFPLNVRKGHPLLVAVKILRPDATKNARNDFLKE
VKIMSRLKDPNIIRLLGVCVQDDPLCMITDYMENGDLNQFLSAHQLEDKAAEGAPGDPTISYPMLLHVAAQIASGMRYLA
TLNFVHRDLATRNCLVGENFTIKIADFGMSRNLYAGDYYRVQGRAVLPIRWMAWECILMGKFTTASDVWAFGVTLWEVLM
LCRAQPFGQLTDEQVIENAGEFFRDQGRQVYLSRPPACPQGLYELMLRCWSRESEQRPPFSQLHRFLAEDALNTVHHHHH
H
;
_entity_poly.pdbx_strand_id   A
#
# COMPACT_ATOMS: atom_id res chain seq x y z
N ASP A 12 13.78 -20.49 15.32
CA ASP A 12 13.82 -19.07 15.70
C ASP A 12 15.21 -18.48 15.49
N PHE A 13 15.36 -17.20 15.82
CA PHE A 13 16.61 -16.49 15.56
C PHE A 13 17.09 -15.69 16.78
N PRO A 14 18.41 -15.73 17.05
CA PRO A 14 19.00 -15.03 18.19
C PRO A 14 19.25 -13.55 17.90
N ARG A 15 18.74 -12.69 18.76
CA ARG A 15 18.88 -11.25 18.59
C ARG A 15 20.35 -10.79 18.54
N SER A 16 21.21 -11.50 19.27
CA SER A 16 22.64 -11.20 19.27
C SER A 16 23.29 -11.45 17.91
N ARG A 17 22.64 -12.27 17.08
CA ARG A 17 23.12 -12.58 15.73
C ARG A 17 22.79 -11.46 14.73
N LEU A 18 21.94 -10.55 15.14
CA LEU A 18 21.57 -9.42 14.30
C LEU A 18 22.56 -8.29 14.53
N ARG A 19 22.94 -7.59 13.47
CA ARG A 19 23.75 -6.41 13.65
C ARG A 19 23.00 -5.19 13.12
N PHE A 20 22.59 -4.32 14.05
CA PHE A 20 21.75 -3.18 13.73
C PHE A 20 22.53 -2.09 13.02
N LYS A 21 21.98 -1.60 11.92
CA LYS A 21 22.71 -0.66 11.07
C LYS A 21 22.06 0.72 11.01
N GLU A 22 20.75 0.76 10.80
CA GLU A 22 20.06 2.03 10.80
C GLU A 22 18.57 1.86 11.06
N LYS A 23 17.93 2.95 11.47
CA LYS A 23 16.52 2.93 11.76
C LYS A 23 15.75 3.24 10.49
N LEU A 24 14.82 2.36 10.12
CA LEU A 24 14.07 2.53 8.87
C LEU A 24 12.70 3.15 9.13
N GLY A 25 12.19 3.03 10.35
CA GLY A 25 10.88 3.58 10.67
C GLY A 25 10.38 3.29 12.06
N GLU A 26 9.26 3.90 12.41
CA GLU A 26 8.70 3.79 13.75
C GLU A 26 7.19 3.85 13.68
N GLY A 27 6.52 2.98 14.43
CA GLY A 27 5.07 2.90 14.42
C GLY A 27 4.47 2.94 15.81
N GLN A 28 3.21 2.55 15.90
CA GLN A 28 2.46 2.68 17.15
C GLN A 28 2.98 1.73 18.23
N PHE A 29 3.39 0.53 17.83
CA PHE A 29 3.80 -0.48 18.80
C PHE A 29 5.14 -1.14 18.46
N GLY A 30 5.89 -0.55 17.53
CA GLY A 30 7.20 -1.07 17.20
C GLY A 30 8.04 -0.11 16.38
N GLU A 31 9.31 -0.44 16.20
CA GLU A 31 10.16 0.33 15.30
C GLU A 31 10.98 -0.63 14.42
N VAL A 32 11.33 -0.18 13.22
CA VAL A 32 11.99 -1.06 12.24
C VAL A 32 13.43 -0.63 11.96
N HIS A 33 14.33 -1.61 12.01
CA HIS A 33 15.75 -1.36 11.77
C HIS A 33 16.29 -2.22 10.64
N LEU A 34 17.20 -1.65 9.86
CA LEU A 34 17.99 -2.41 8.91
C LEU A 34 19.06 -3.17 9.67
N CYS A 35 19.11 -4.49 9.49
CA CYS A 35 20.11 -5.33 10.15
C CYS A 35 20.91 -6.17 9.18
N GLU A 36 22.15 -6.49 9.57
CA GLU A 36 22.97 -7.45 8.85
C GLU A 36 22.94 -8.78 9.55
N VAL A 37 22.97 -9.85 8.77
CA VAL A 37 23.10 -11.20 9.31
C VAL A 37 24.27 -11.91 8.63
N ASP A 38 25.17 -12.49 9.41
CA ASP A 38 26.35 -13.12 8.82
C ASP A 38 26.28 -14.65 8.82
N SER A 39 25.25 -15.21 9.47
CA SER A 39 25.04 -16.65 9.43
C SER A 39 23.60 -17.01 9.06
N PRO A 40 23.19 -16.71 7.83
CA PRO A 40 21.82 -17.02 7.40
C PRO A 40 21.60 -18.51 7.13
N GLN A 41 20.59 -19.09 7.75
CA GLN A 41 20.30 -20.52 7.60
C GLN A 41 18.80 -20.77 7.51
N PRO A 57 26.88 -11.26 3.19
CA PRO A 57 26.35 -10.24 4.10
C PRO A 57 24.87 -9.95 3.87
N LEU A 58 23.99 -10.73 4.51
CA LEU A 58 22.56 -10.62 4.25
C LEU A 58 21.89 -9.48 5.01
N LEU A 59 21.15 -8.64 4.30
CA LEU A 59 20.39 -7.54 4.90
C LEU A 59 18.93 -7.94 5.12
N VAL A 60 18.39 -7.61 6.29
CA VAL A 60 16.98 -7.86 6.59
C VAL A 60 16.38 -6.66 7.31
N ALA A 61 15.06 -6.60 7.33
CA ALA A 61 14.39 -5.58 8.13
C ALA A 61 13.84 -6.23 9.38
N VAL A 62 14.07 -5.59 10.52
CA VAL A 62 13.69 -6.16 11.81
C VAL A 62 12.83 -5.19 12.59
N LYS A 63 11.63 -5.64 12.97
CA LYS A 63 10.78 -4.84 13.83
C LYS A 63 10.95 -5.28 15.28
N ILE A 64 11.15 -4.31 16.17
CA ILE A 64 11.29 -4.56 17.61
C ILE A 64 10.31 -3.67 18.35
N LEU A 65 10.13 -3.92 19.64
CA LEU A 65 9.30 -3.04 20.44
C LEU A 65 9.93 -1.65 20.58
N ARG A 66 9.09 -0.62 20.71
CA ARG A 66 9.57 0.73 21.02
C ARG A 66 10.13 0.75 22.44
N PRO A 67 11.03 1.70 22.74
CA PRO A 67 11.60 1.69 24.09
C PRO A 67 10.59 1.99 25.19
N ASP A 68 9.45 2.58 24.84
CA ASP A 68 8.39 2.84 25.80
C ASP A 68 7.31 1.78 25.71
N ALA A 69 7.69 0.57 25.29
CA ALA A 69 6.73 -0.49 25.00
C ALA A 69 5.85 -0.83 26.19
N THR A 70 4.54 -0.76 25.95
CA THR A 70 3.54 -1.07 26.95
C THR A 70 3.07 -2.51 26.82
N LYS A 71 2.30 -2.96 27.79
CA LYS A 71 1.66 -4.26 27.73
C LYS A 71 0.79 -4.37 26.48
N ASN A 72 0.09 -3.28 26.18
CA ASN A 72 -0.80 -3.24 25.02
C ASN A 72 -0.03 -3.38 23.72
N ALA A 73 1.14 -2.75 23.66
CA ALA A 73 1.96 -2.80 22.46
C ALA A 73 2.48 -4.20 22.20
N ARG A 74 2.89 -4.89 23.26
CA ARG A 74 3.39 -6.24 23.17
C ARG A 74 2.32 -7.17 22.61
N ASN A 75 1.07 -6.97 23.05
CA ASN A 75 -0.04 -7.76 22.55
C ASN A 75 -0.25 -7.54 21.05
N ASP A 76 -0.21 -6.27 20.63
CA ASP A 76 -0.38 -5.96 19.22
C ASP A 76 0.76 -6.55 18.40
N PHE A 77 1.96 -6.56 18.97
CA PHE A 77 3.13 -7.13 18.31
C PHE A 77 2.95 -8.64 18.08
N LEU A 78 2.54 -9.36 19.12
CA LEU A 78 2.29 -10.79 18.98
C LEU A 78 1.22 -11.11 17.93
N LYS A 79 0.15 -10.30 17.91
CA LYS A 79 -0.87 -10.52 16.89
C LYS A 79 -0.34 -10.23 15.49
N GLU A 80 0.52 -9.22 15.35
CA GLU A 80 1.08 -8.91 14.03
C GLU A 80 1.89 -10.10 13.51
N VAL A 81 2.65 -10.76 14.37
CA VAL A 81 3.39 -11.95 13.96
C VAL A 81 2.44 -13.00 13.38
N LYS A 82 1.31 -13.22 14.06
CA LYS A 82 0.35 -14.23 13.61
C LYS A 82 -0.23 -13.86 12.25
N ILE A 83 -0.54 -12.59 12.07
CA ILE A 83 -1.09 -12.14 10.82
C ILE A 83 -0.06 -12.30 9.70
N MET A 84 1.18 -11.90 9.96
CA MET A 84 2.18 -11.99 8.92
CA MET A 84 2.29 -12.00 9.02
C MET A 84 2.59 -13.43 8.60
N SER A 85 2.42 -14.34 9.55
CA SER A 85 2.70 -15.75 9.30
C SER A 85 1.81 -16.31 8.20
N ARG A 86 0.65 -15.68 7.97
CA ARG A 86 -0.32 -16.11 6.96
C ARG A 86 0.11 -15.80 5.54
N LEU A 87 0.92 -14.74 5.38
CA LEU A 87 1.10 -14.11 4.07
C LEU A 87 2.27 -14.66 3.28
N LYS A 88 1.98 -15.47 2.26
CA LYS A 88 3.02 -16.12 1.49
C LYS A 88 2.81 -15.96 -0.01
N ASP A 89 3.39 -14.89 -0.55
CA ASP A 89 3.21 -14.52 -1.96
C ASP A 89 4.36 -13.62 -2.40
N PRO A 90 4.79 -13.72 -3.66
CA PRO A 90 5.92 -12.93 -4.13
C PRO A 90 5.73 -11.41 -4.05
N ASN A 91 4.48 -10.96 -4.00
CA ASN A 91 4.21 -9.52 -3.97
C ASN A 91 3.59 -9.06 -2.66
N ILE A 92 3.76 -9.88 -1.62
CA ILE A 92 3.42 -9.50 -0.25
C ILE A 92 4.66 -9.66 0.61
N ILE A 93 4.90 -8.71 1.51
CA ILE A 93 6.05 -8.84 2.41
C ILE A 93 5.95 -10.16 3.19
N ARG A 94 7.08 -10.79 3.44
CA ARG A 94 7.04 -12.10 4.09
C ARG A 94 7.85 -12.12 5.37
N LEU A 95 7.35 -12.92 6.31
CA LEU A 95 7.99 -13.17 7.59
C LEU A 95 9.08 -14.20 7.44
N LEU A 96 10.32 -13.80 7.67
CA LEU A 96 11.46 -14.69 7.54
C LEU A 96 11.73 -15.41 8.84
N GLY A 97 11.39 -14.78 9.96
CA GLY A 97 11.62 -15.36 11.27
C GLY A 97 11.23 -14.47 12.41
N VAL A 98 11.29 -15.01 13.62
CA VAL A 98 11.06 -14.26 14.84
C VAL A 98 12.18 -14.56 15.81
N CYS A 99 12.41 -13.67 16.77
CA CYS A 99 13.46 -13.87 17.75
C CYS A 99 13.09 -14.99 18.72
N VAL A 100 14.10 -15.59 19.34
CA VAL A 100 13.93 -16.71 20.25
C VAL A 100 13.03 -16.34 21.44
N GLN A 101 12.30 -17.32 21.94
CA GLN A 101 11.39 -17.19 23.08
C GLN A 101 11.90 -16.31 24.22
N ASP A 102 13.17 -16.46 24.56
CA ASP A 102 13.76 -15.76 25.70
C ASP A 102 14.22 -14.33 25.36
N ASP A 103 14.54 -14.09 24.10
CA ASP A 103 14.97 -12.76 23.66
C ASP A 103 13.81 -11.76 23.72
N PRO A 104 14.15 -10.46 23.77
CA PRO A 104 13.13 -9.43 23.56
C PRO A 104 12.53 -9.61 22.17
N LEU A 105 11.24 -9.28 22.02
CA LEU A 105 10.52 -9.60 20.80
C LEU A 105 11.11 -8.95 19.56
N CYS A 106 11.18 -9.73 18.48
CA CYS A 106 11.49 -9.17 17.18
C CYS A 106 10.82 -9.97 16.07
N MET A 107 10.69 -9.29 14.93
CA MET A 107 10.03 -9.82 13.75
C MET A 107 10.97 -9.54 12.58
N ILE A 108 11.30 -10.55 11.78
CA ILE A 108 12.26 -10.35 10.69
C ILE A 108 11.62 -10.57 9.32
N THR A 109 11.84 -9.62 8.41
CA THR A 109 11.36 -9.73 7.04
C THR A 109 12.43 -9.33 6.03
N ASP A 110 12.15 -9.52 4.75
CA ASP A 110 13.10 -9.08 3.75
C ASP A 110 13.26 -7.57 3.79
N TYR A 111 14.48 -7.12 3.51
CA TYR A 111 14.74 -5.72 3.35
C TYR A 111 14.49 -5.29 1.91
N MET A 112 13.56 -4.36 1.72
CA MET A 112 13.29 -3.85 0.38
C MET A 112 14.13 -2.59 0.14
N GLU A 113 15.19 -2.74 -0.65
CA GLU A 113 16.27 -1.75 -0.65
C GLU A 113 15.91 -0.39 -1.24
N ASN A 114 14.78 -0.28 -1.92
CA ASN A 114 14.40 1.00 -2.51
C ASN A 114 13.26 1.67 -1.76
N GLY A 115 12.87 1.06 -0.64
CA GLY A 115 11.91 1.63 0.28
C GLY A 115 10.49 1.81 -0.22
N ASP A 116 9.85 2.78 0.40
CA ASP A 116 8.54 3.32 0.12
C ASP A 116 8.25 3.54 -1.38
N LEU A 117 7.18 2.96 -1.94
CA LEU A 117 6.86 3.18 -3.38
C LEU A 117 6.49 4.63 -3.68
N ASN A 118 5.84 5.28 -2.73
CA ASN A 118 5.48 6.70 -2.90
C ASN A 118 6.74 7.55 -3.02
N GLN A 119 7.70 7.33 -2.13
CA GLN A 119 8.96 8.09 -2.19
C GLN A 119 9.75 7.71 -3.44
N PHE A 120 9.73 6.44 -3.80
CA PHE A 120 10.44 5.93 -4.97
C PHE A 120 9.95 6.58 -6.25
N LEU A 121 8.64 6.52 -6.48
CA LEU A 121 8.09 7.05 -7.71
C LEU A 121 8.23 8.57 -7.76
N SER A 122 8.13 9.20 -6.60
CA SER A 122 8.30 10.65 -6.47
C SER A 122 9.64 11.11 -7.04
N ALA A 123 10.64 10.23 -6.96
CA ALA A 123 12.00 10.56 -7.37
C ALA A 123 12.24 10.31 -8.86
N HIS A 124 11.20 9.85 -9.57
CA HIS A 124 11.28 9.61 -11.01
C HIS A 124 10.34 10.52 -11.81
N GLN A 125 10.63 10.76 -13.08
CA GLN A 125 9.58 11.26 -13.97
C GLN A 125 9.42 10.32 -15.16
N LEU A 126 8.32 10.49 -15.88
CA LEU A 126 8.00 9.63 -17.00
C LEU A 126 9.01 9.86 -18.11
N GLU A 127 9.49 8.78 -18.72
CA GLU A 127 10.52 8.92 -19.73
C GLU A 127 9.98 9.76 -20.89
N ASP A 128 10.83 10.65 -21.38
CA ASP A 128 10.50 11.46 -22.55
C ASP A 128 10.91 10.68 -23.80
N LYS A 129 9.93 10.28 -24.59
CA LYS A 129 10.17 9.49 -25.78
C LYS A 129 11.06 10.23 -26.80
N ALA A 130 10.95 11.55 -26.82
CA ALA A 130 11.67 12.37 -27.78
C ALA A 130 13.16 12.49 -27.43
N ALA A 131 13.49 12.44 -26.15
CA ALA A 131 14.87 12.62 -25.72
C ALA A 131 15.23 11.72 -24.55
N ASP A 137 18.54 12.71 -13.17
CA ASP A 137 17.15 12.51 -13.58
C ASP A 137 16.87 11.05 -13.91
N PRO A 138 16.53 10.24 -12.89
CA PRO A 138 16.10 8.87 -13.17
C PRO A 138 14.67 8.88 -13.73
N THR A 139 14.42 8.04 -14.72
CA THR A 139 13.12 8.03 -15.35
C THR A 139 12.53 6.64 -15.29
N ILE A 140 11.24 6.55 -15.64
CA ILE A 140 10.55 5.28 -15.63
C ILE A 140 9.61 5.25 -16.83
N SER A 141 9.50 4.12 -17.50
CA SER A 141 8.68 4.03 -18.70
C SER A 141 7.23 3.71 -18.34
N TYR A 142 6.32 3.99 -19.27
CA TYR A 142 4.92 3.64 -19.07
C TYR A 142 4.75 2.12 -18.87
N PRO A 143 5.38 1.28 -19.71
CA PRO A 143 5.29 -0.15 -19.42
C PRO A 143 5.83 -0.53 -18.04
N MET A 144 6.80 0.20 -17.50
CA MET A 144 7.26 -0.14 -16.15
C MET A 144 6.21 0.29 -15.12
N LEU A 145 5.53 1.41 -15.35
CA LEU A 145 4.43 1.77 -14.45
C LEU A 145 3.35 0.67 -14.47
N LEU A 146 3.03 0.14 -15.65
CA LEU A 146 2.11 -1.00 -15.74
C LEU A 146 2.60 -2.20 -14.94
N HIS A 147 3.89 -2.49 -15.03
CA HIS A 147 4.50 -3.61 -14.32
C HIS A 147 4.42 -3.41 -12.81
N VAL A 148 4.65 -2.19 -12.35
CA VAL A 148 4.50 -1.88 -10.93
C VAL A 148 3.06 -2.12 -10.48
N ALA A 149 2.11 -1.58 -11.25
CA ALA A 149 0.70 -1.71 -10.89
C ALA A 149 0.22 -3.16 -10.97
N ALA A 150 0.68 -3.91 -11.96
CA ALA A 150 0.32 -5.32 -12.09
C ALA A 150 0.78 -6.14 -10.89
N GLN A 151 1.98 -5.83 -10.37
CA GLN A 151 2.48 -6.58 -9.22
C GLN A 151 1.60 -6.33 -8.00
N ILE A 152 1.18 -5.08 -7.84
CA ILE A 152 0.27 -4.75 -6.75
C ILE A 152 -1.05 -5.51 -6.92
N ALA A 153 -1.55 -5.55 -8.15
CA ALA A 153 -2.78 -6.29 -8.41
C ALA A 153 -2.61 -7.77 -8.12
N SER A 154 -1.43 -8.32 -8.39
CA SER A 154 -1.18 -9.74 -8.14
C SER A 154 -1.12 -9.99 -6.63
N GLY A 155 -0.54 -9.06 -5.88
CA GLY A 155 -0.52 -9.21 -4.43
C GLY A 155 -1.93 -9.15 -3.88
N MET A 156 -2.74 -8.25 -4.41
CA MET A 156 -4.11 -8.11 -3.92
C MET A 156 -4.96 -9.31 -4.32
N ARG A 157 -4.70 -9.84 -5.52
CA ARG A 157 -5.38 -11.07 -5.95
C ARG A 157 -5.13 -12.18 -4.94
N TYR A 158 -3.89 -12.31 -4.48
CA TYR A 158 -3.55 -13.30 -3.46
C TYR A 158 -4.29 -13.04 -2.14
N LEU A 159 -4.28 -11.80 -1.67
CA LEU A 159 -4.95 -11.50 -0.41
C LEU A 159 -6.44 -11.82 -0.50
N ALA A 160 -7.04 -11.55 -1.65
CA ALA A 160 -8.46 -11.84 -1.86
C ALA A 160 -8.72 -13.34 -1.74
N THR A 161 -7.77 -14.18 -2.16
CA THR A 161 -7.97 -15.65 -2.03
C THR A 161 -7.96 -16.08 -0.57
N LEU A 162 -7.34 -15.27 0.29
CA LEU A 162 -7.34 -15.54 1.73
C LEU A 162 -8.54 -14.88 2.42
N ASN A 163 -9.37 -14.18 1.66
CA ASN A 163 -10.42 -13.34 2.23
C ASN A 163 -9.83 -12.37 3.24
N PHE A 164 -8.64 -11.86 2.91
CA PHE A 164 -7.94 -10.92 3.76
C PHE A 164 -8.14 -9.52 3.20
N VAL A 165 -8.71 -8.64 4.00
CA VAL A 165 -8.97 -7.28 3.54
C VAL A 165 -7.87 -6.37 4.06
N HIS A 166 -7.23 -5.65 3.13
CA HIS A 166 -6.09 -4.81 3.51
C HIS A 166 -6.50 -3.61 4.36
N ARG A 167 -7.52 -2.90 3.89
CA ARG A 167 -8.11 -1.68 4.49
C ARG A 167 -7.31 -0.40 4.27
N ASP A 168 -6.05 -0.48 3.84
CA ASP A 168 -5.25 0.75 3.66
C ASP A 168 -4.29 0.65 2.49
N LEU A 169 -4.77 0.17 1.35
CA LEU A 169 -3.93 0.07 0.17
C LEU A 169 -3.68 1.47 -0.38
N ALA A 170 -2.41 1.75 -0.62
CA ALA A 170 -1.92 3.04 -1.10
C ALA A 170 -0.45 2.88 -1.43
N THR A 171 0.12 3.75 -2.28
CA THR A 171 1.54 3.56 -2.61
C THR A 171 2.44 3.70 -1.38
N ARG A 172 2.04 4.51 -0.40
CA ARG A 172 2.80 4.64 0.83
C ARG A 172 2.93 3.31 1.60
N ASN A 173 2.07 2.34 1.30
CA ASN A 173 2.15 1.05 1.98
C ASN A 173 2.75 -0.04 1.10
N CYS A 174 3.31 0.36 -0.04
CA CYS A 174 4.03 -0.59 -0.88
C CYS A 174 5.53 -0.34 -0.78
N LEU A 175 6.29 -1.42 -0.94
CA LEU A 175 7.74 -1.35 -0.86
C LEU A 175 8.37 -1.78 -2.16
N VAL A 176 9.54 -1.23 -2.46
CA VAL A 176 10.24 -1.50 -3.70
C VAL A 176 11.58 -2.17 -3.45
N GLY A 177 11.83 -3.28 -4.14
CA GLY A 177 13.07 -4.04 -4.02
C GLY A 177 13.99 -3.82 -5.21
N GLU A 178 14.75 -4.84 -5.58
CA GLU A 178 15.59 -4.77 -6.77
C GLU A 178 14.74 -4.90 -8.02
N ASN A 179 15.15 -4.24 -9.09
CA ASN A 179 14.52 -4.44 -10.40
C ASN A 179 13.03 -4.19 -10.39
N PHE A 180 12.62 -3.12 -9.72
CA PHE A 180 11.23 -2.68 -9.66
C PHE A 180 10.29 -3.76 -9.09
N THR A 181 10.81 -4.64 -8.25
CA THR A 181 9.96 -5.60 -7.54
C THR A 181 9.16 -4.87 -6.47
N ILE A 182 7.87 -5.19 -6.38
CA ILE A 182 6.97 -4.52 -5.47
C ILE A 182 6.41 -5.51 -4.47
N LYS A 183 6.42 -5.16 -3.19
CA LYS A 183 5.71 -5.93 -2.19
C LYS A 183 4.76 -5.04 -1.39
N ILE A 184 3.55 -5.54 -1.18
CA ILE A 184 2.55 -4.84 -0.39
C ILE A 184 2.82 -5.07 1.08
N ALA A 185 2.73 -3.98 1.85
CA ALA A 185 2.92 -4.03 3.29
C ALA A 185 1.85 -3.18 3.95
N ASP A 186 2.05 -2.81 5.21
CA ASP A 186 1.13 -1.91 5.90
C ASP A 186 1.85 -1.27 7.09
N PHE A 187 2.14 0.03 7.00
CA PHE A 187 2.94 0.69 8.02
C PHE A 187 2.11 1.51 8.98
N GLY A 188 0.80 1.36 8.91
CA GLY A 188 -0.07 2.00 9.87
C GLY A 188 -0.37 3.44 9.50
N MET A 189 -1.01 4.17 10.40
CA MET A 189 -1.57 5.47 10.07
C MET A 189 -0.98 6.64 10.87
N SER A 190 0.18 6.43 11.48
CA SER A 190 0.74 7.43 12.40
C SER A 190 2.00 8.15 11.92
N ARG A 191 2.52 7.76 10.75
CA ARG A 191 3.73 8.40 10.23
C ARG A 191 3.50 9.87 9.90
N ASN A 192 4.34 10.73 10.47
CA ASN A 192 4.24 12.17 10.24
C ASN A 192 4.21 12.50 8.76
N LEU A 193 5.03 11.79 7.99
CA LEU A 193 5.20 12.04 6.56
C LEU A 193 3.88 11.95 5.80
N TYR A 194 2.98 11.09 6.26
CA TYR A 194 1.73 10.87 5.55
C TYR A 194 0.50 11.26 6.37
N ALA A 195 0.71 12.11 7.38
CA ALA A 195 -0.38 12.53 8.26
C ALA A 195 -1.57 13.12 7.52
N GLY A 196 -1.29 13.86 6.45
CA GLY A 196 -2.34 14.49 5.66
C GLY A 196 -3.20 13.51 4.90
N ASP A 197 -2.76 12.25 4.84
CA ASP A 197 -3.51 11.21 4.13
C ASP A 197 -4.57 10.56 5.01
N TYR A 198 -4.65 10.98 6.27
CA TYR A 198 -5.61 10.38 7.17
C TYR A 198 -6.50 11.43 7.83
N TYR A 199 -7.74 11.03 8.07
CA TYR A 199 -8.74 11.87 8.71
C TYR A 199 -8.92 11.42 10.15
N ARG A 200 -8.64 12.30 11.10
CA ARG A 200 -8.62 11.95 12.52
C ARG A 200 -9.70 12.68 13.32
N VAL A 201 -10.54 11.91 14.00
CA VAL A 201 -11.50 12.47 14.94
C VAL A 201 -11.25 11.77 16.29
N GLN A 202 -11.25 12.55 17.36
CA GLN A 202 -11.03 12.01 18.71
C GLN A 202 -11.96 10.84 18.99
N GLY A 203 -11.37 9.72 19.41
CA GLY A 203 -12.14 8.56 19.84
C GLY A 203 -12.58 7.64 18.72
N ARG A 204 -12.26 8.00 17.49
CA ARG A 204 -12.63 7.18 16.33
C ARG A 204 -11.43 6.56 15.67
N ALA A 205 -11.68 5.50 14.89
CA ALA A 205 -10.65 4.97 14.02
C ALA A 205 -10.17 6.06 13.06
N VAL A 206 -8.87 6.03 12.80
CA VAL A 206 -8.25 6.89 11.79
C VAL A 206 -8.62 6.39 10.38
N LEU A 207 -8.95 7.31 9.46
CA LEU A 207 -9.49 6.89 8.17
C LEU A 207 -8.74 7.49 6.98
N PRO A 208 -8.25 6.65 6.06
CA PRO A 208 -7.63 7.16 4.83
C PRO A 208 -8.71 7.53 3.80
N ILE A 209 -9.46 8.59 4.09
CA ILE A 209 -10.70 8.86 3.35
C ILE A 209 -10.51 9.05 1.84
N ARG A 210 -9.37 9.56 1.40
CA ARG A 210 -9.19 9.82 -0.03
C ARG A 210 -8.99 8.54 -0.85
N TRP A 211 -8.73 7.44 -0.15
CA TRP A 211 -8.58 6.11 -0.76
C TRP A 211 -9.81 5.25 -0.56
N MET A 212 -10.79 5.75 0.19
CA MET A 212 -11.91 4.90 0.62
C MET A 212 -13.15 4.97 -0.25
N ALA A 213 -13.71 3.80 -0.53
CA ALA A 213 -14.99 3.66 -1.21
C ALA A 213 -16.10 4.36 -0.44
N TRP A 214 -17.14 4.78 -1.14
CA TRP A 214 -18.18 5.58 -0.50
C TRP A 214 -18.82 4.82 0.64
N GLU A 215 -18.99 3.51 0.47
CA GLU A 215 -19.65 2.73 1.53
C GLU A 215 -18.77 2.59 2.77
N CYS A 216 -17.44 2.68 2.62
CA CYS A 216 -16.52 2.69 3.76
C CYS A 216 -16.63 3.98 4.54
N ILE A 217 -16.71 5.09 3.81
CA ILE A 217 -16.85 6.38 4.47
C ILE A 217 -18.16 6.45 5.25
N LEU A 218 -19.25 6.00 4.65
CA LEU A 218 -20.55 6.17 5.29
C LEU A 218 -20.84 5.11 6.35
N MET A 219 -20.34 3.89 6.15
CA MET A 219 -20.73 2.79 7.03
C MET A 219 -19.54 2.08 7.68
N GLY A 220 -18.34 2.57 7.39
CA GLY A 220 -17.15 2.19 8.13
C GLY A 220 -16.76 0.73 8.05
N LYS A 221 -17.22 0.03 7.02
CA LYS A 221 -16.85 -1.37 6.86
C LYS A 221 -16.17 -1.67 5.52
N PHE A 222 -15.17 -2.54 5.60
CA PHE A 222 -14.21 -2.73 4.53
C PHE A 222 -14.31 -4.14 3.97
N THR A 223 -14.18 -4.26 2.66
CA THR A 223 -14.32 -5.52 1.95
C THR A 223 -13.28 -5.63 0.86
N THR A 224 -13.23 -6.77 0.20
CA THR A 224 -12.37 -6.89 -0.98
C THR A 224 -12.78 -5.87 -2.03
N ALA A 225 -14.08 -5.63 -2.18
CA ALA A 225 -14.58 -4.66 -3.15
C ALA A 225 -14.14 -3.23 -2.80
N SER A 226 -14.00 -2.92 -1.51
CA SER A 226 -13.45 -1.59 -1.20
C SER A 226 -11.93 -1.57 -1.37
N ASP A 227 -11.27 -2.72 -1.21
CA ASP A 227 -9.86 -2.81 -1.57
C ASP A 227 -9.67 -2.54 -3.08
N VAL A 228 -10.61 -2.99 -3.90
CA VAL A 228 -10.54 -2.69 -5.32
C VAL A 228 -10.64 -1.19 -5.60
N TRP A 229 -11.54 -0.52 -4.92
CA TRP A 229 -11.66 0.93 -5.01
C TRP A 229 -10.32 1.58 -4.65
N ALA A 230 -9.73 1.19 -3.53
CA ALA A 230 -8.44 1.73 -3.11
C ALA A 230 -7.35 1.40 -4.11
N PHE A 231 -7.46 0.25 -4.75
CA PHE A 231 -6.49 -0.10 -5.79
C PHE A 231 -6.61 0.88 -6.95
N GLY A 232 -7.84 1.24 -7.31
CA GLY A 232 -8.03 2.25 -8.35
C GLY A 232 -7.32 3.54 -8.00
N VAL A 233 -7.43 3.98 -6.75
CA VAL A 233 -6.73 5.20 -6.32
C VAL A 233 -5.21 4.99 -6.32
N THR A 234 -4.77 3.81 -5.91
CA THR A 234 -3.35 3.49 -5.89
C THR A 234 -2.79 3.50 -7.31
N LEU A 235 -3.56 2.93 -8.24
CA LEU A 235 -3.20 2.94 -9.67
C LEU A 235 -3.13 4.37 -10.19
N TRP A 236 -4.10 5.19 -9.81
CA TRP A 236 -4.05 6.62 -10.12
C TRP A 236 -2.75 7.26 -9.59
N GLU A 237 -2.39 6.96 -8.34
CA GLU A 237 -1.14 7.47 -7.77
C GLU A 237 0.05 7.09 -8.62
N VAL A 238 0.13 5.81 -8.98
CA VAL A 238 1.25 5.30 -9.76
C VAL A 238 1.40 6.05 -11.08
N LEU A 239 0.27 6.27 -11.76
CA LEU A 239 0.28 6.97 -13.05
CA LEU A 239 0.26 6.97 -13.05
C LEU A 239 0.49 8.47 -12.89
N MET A 240 0.29 8.98 -11.67
CA MET A 240 0.63 10.38 -11.36
C MET A 240 2.07 10.49 -10.91
N LEU A 241 2.76 9.35 -10.87
CA LEU A 241 4.11 9.26 -10.31
C LEU A 241 4.17 9.87 -8.91
N CYS A 242 3.07 9.69 -8.16
CA CYS A 242 2.97 10.14 -6.78
C CYS A 242 3.22 11.64 -6.60
N ARG A 243 2.84 12.42 -7.61
CA ARG A 243 3.08 13.86 -7.62
C ARG A 243 1.96 14.65 -6.96
N ALA A 244 0.87 13.98 -6.58
CA ALA A 244 -0.30 14.71 -6.13
C ALA A 244 -1.18 13.85 -5.24
N GLN A 245 -1.75 14.46 -4.21
CA GLN A 245 -2.68 13.75 -3.35
C GLN A 245 -4.02 13.58 -4.06
N PRO A 246 -4.65 12.40 -3.93
CA PRO A 246 -5.99 12.21 -4.48
C PRO A 246 -6.97 13.27 -3.97
N PHE A 247 -7.71 13.90 -4.87
CA PHE A 247 -8.66 14.96 -4.55
C PHE A 247 -7.97 16.10 -3.81
N GLY A 248 -6.70 16.33 -4.16
CA GLY A 248 -5.84 17.20 -3.39
C GLY A 248 -6.28 18.65 -3.25
N GLN A 249 -7.17 19.12 -4.13
CA GLN A 249 -7.68 20.49 -4.04
CA GLN A 249 -7.67 20.48 -4.03
C GLN A 249 -9.04 20.55 -3.32
N LEU A 250 -9.51 19.41 -2.85
CA LEU A 250 -10.75 19.33 -2.07
C LEU A 250 -10.42 19.11 -0.60
N THR A 251 -11.24 19.66 0.29
CA THR A 251 -11.05 19.44 1.72
C THR A 251 -11.47 18.04 2.12
N ASP A 252 -11.03 17.63 3.31
CA ASP A 252 -11.51 16.38 3.90
C ASP A 252 -13.04 16.35 3.92
N GLU A 253 -13.64 17.47 4.33
CA GLU A 253 -15.09 17.57 4.43
C GLU A 253 -15.73 17.35 3.06
N GLN A 254 -15.13 17.92 2.01
CA GLN A 254 -15.66 17.72 0.67
C GLN A 254 -15.50 16.27 0.17
N VAL A 255 -14.43 15.62 0.58
CA VAL A 255 -14.20 14.22 0.21
C VAL A 255 -15.27 13.34 0.89
N ILE A 256 -15.57 13.61 2.15
CA ILE A 256 -16.61 12.86 2.83
C ILE A 256 -17.99 13.15 2.24
N GLU A 257 -18.24 14.41 1.88
CA GLU A 257 -19.52 14.73 1.25
C GLU A 257 -19.67 14.04 -0.11
N ASN A 258 -18.55 13.86 -0.82
CA ASN A 258 -18.58 13.17 -2.10
C ASN A 258 -19.11 11.73 -1.92
N ALA A 259 -18.79 11.11 -0.79
CA ALA A 259 -19.30 9.77 -0.50
C ALA A 259 -20.83 9.79 -0.43
N GLY A 260 -21.38 10.87 0.14
CA GLY A 260 -22.82 11.06 0.15
C GLY A 260 -23.42 11.16 -1.24
N GLU A 261 -22.70 11.79 -2.17
CA GLU A 261 -23.22 11.92 -3.53
C GLU A 261 -23.21 10.60 -4.29
N PHE A 262 -22.26 9.73 -3.96
CA PHE A 262 -22.29 8.37 -4.49
C PHE A 262 -23.54 7.67 -3.97
N PHE A 263 -23.80 7.81 -2.67
CA PHE A 263 -24.94 7.14 -2.05
C PHE A 263 -26.24 7.60 -2.68
N ARG A 264 -26.40 8.90 -2.83
CA ARG A 264 -27.65 9.45 -3.34
C ARG A 264 -27.81 9.20 -4.83
N ASP A 265 -26.69 8.95 -5.51
CA ASP A 265 -26.68 8.50 -6.90
C ASP A 265 -27.47 9.41 -7.85
N GLN A 266 -27.20 10.72 -7.78
CA GLN A 266 -27.89 11.68 -8.60
C GLN A 266 -26.95 12.38 -9.56
N GLY A 267 -25.81 11.75 -9.84
CA GLY A 267 -24.86 12.25 -10.82
C GLY A 267 -24.07 13.48 -10.42
N ARG A 268 -23.97 13.74 -9.11
CA ARG A 268 -23.17 14.87 -8.63
C ARG A 268 -21.83 14.43 -8.05
N GLN A 269 -21.61 13.11 -7.99
CA GLN A 269 -20.36 12.62 -7.42
C GLN A 269 -19.22 12.92 -8.37
N VAL A 270 -18.02 13.07 -7.82
CA VAL A 270 -16.87 13.37 -8.66
C VAL A 270 -15.77 12.33 -8.47
N TYR A 271 -14.89 12.29 -9.46
CA TYR A 271 -13.85 11.27 -9.57
C TYR A 271 -12.49 11.90 -9.74
N LEU A 272 -11.44 11.16 -9.41
CA LEU A 272 -10.07 11.53 -9.76
C LEU A 272 -9.97 11.71 -11.28
N SER A 273 -9.20 12.70 -11.71
CA SER A 273 -9.05 12.96 -13.13
C SER A 273 -8.01 12.06 -13.78
N ARG A 274 -8.05 11.95 -15.11
CA ARG A 274 -7.10 11.12 -15.83
C ARG A 274 -5.67 11.69 -15.75
N PRO A 275 -4.71 10.92 -15.21
CA PRO A 275 -3.32 11.39 -15.15
C PRO A 275 -2.74 11.64 -16.54
N PRO A 276 -1.80 12.58 -16.67
CA PRO A 276 -1.13 12.80 -17.95
C PRO A 276 -0.55 11.53 -18.57
N ALA A 277 0.03 10.65 -17.75
CA ALA A 277 0.66 9.42 -18.27
C ALA A 277 -0.34 8.32 -18.60
N CYS A 278 -1.62 8.55 -18.30
CA CYS A 278 -2.63 7.50 -18.39
C CYS A 278 -3.48 7.59 -19.65
N PRO A 279 -3.40 6.56 -20.50
CA PRO A 279 -4.27 6.48 -21.67
C PRO A 279 -5.74 6.33 -21.28
N GLN A 280 -6.65 6.77 -22.14
CA GLN A 280 -8.07 6.72 -21.80
C GLN A 280 -8.56 5.29 -21.48
N GLY A 281 -8.05 4.28 -22.18
CA GLY A 281 -8.46 2.91 -21.92
C GLY A 281 -8.13 2.43 -20.52
N LEU A 282 -6.97 2.85 -20.02
CA LEU A 282 -6.58 2.49 -18.66
C LEU A 282 -7.39 3.30 -17.65
N TYR A 283 -7.68 4.56 -17.99
CA TYR A 283 -8.49 5.39 -17.12
C TYR A 283 -9.89 4.80 -16.95
N GLU A 284 -10.44 4.21 -18.01
CA GLU A 284 -11.76 3.59 -17.91
C GLU A 284 -11.74 2.40 -16.95
N LEU A 285 -10.60 1.71 -16.88
CA LEU A 285 -10.43 0.63 -15.90
C LEU A 285 -10.50 1.19 -14.48
N MET A 286 -9.80 2.30 -14.28
CA MET A 286 -9.78 2.93 -12.97
CA MET A 286 -9.78 3.01 -12.99
C MET A 286 -11.19 3.35 -12.57
N LEU A 287 -11.93 3.91 -13.52
CA LEU A 287 -13.29 4.37 -13.22
C LEU A 287 -14.18 3.20 -12.80
N ARG A 288 -13.94 2.03 -13.37
CA ARG A 288 -14.74 0.85 -13.00
C ARG A 288 -14.47 0.46 -11.55
N CYS A 289 -13.25 0.69 -11.08
CA CYS A 289 -12.93 0.42 -9.67
C CYS A 289 -13.72 1.30 -8.74
N TRP A 290 -14.26 2.40 -9.26
CA TRP A 290 -14.98 3.36 -8.46
C TRP A 290 -16.46 3.28 -8.77
N SER A 291 -16.91 2.11 -9.23
CA SER A 291 -18.34 1.88 -9.45
C SER A 291 -19.11 2.00 -8.15
N ARG A 292 -20.29 2.61 -8.22
CA ARG A 292 -21.11 2.70 -7.01
C ARG A 292 -21.41 1.30 -6.44
N GLU A 293 -21.78 0.37 -7.30
CA GLU A 293 -22.11 -0.97 -6.84
C GLU A 293 -20.84 -1.82 -6.69
N SER A 294 -20.65 -2.36 -5.49
CA SER A 294 -19.47 -3.18 -5.20
C SER A 294 -19.29 -4.31 -6.21
N GLU A 295 -20.41 -4.93 -6.60
CA GLU A 295 -20.38 -6.07 -7.53
C GLU A 295 -19.91 -5.70 -8.94
N GLN A 296 -19.96 -4.42 -9.28
CA GLN A 296 -19.58 -3.98 -10.63
C GLN A 296 -18.12 -3.55 -10.71
N ARG A 297 -17.43 -3.61 -9.57
CA ARG A 297 -16.00 -3.31 -9.55
C ARG A 297 -15.24 -4.54 -10.02
N PRO A 298 -14.20 -4.34 -10.84
CA PRO A 298 -13.49 -5.52 -11.35
C PRO A 298 -12.75 -6.30 -10.27
N PRO A 299 -12.80 -7.63 -10.32
CA PRO A 299 -11.98 -8.42 -9.41
C PRO A 299 -10.50 -8.23 -9.69
N PHE A 300 -9.65 -8.51 -8.71
CA PHE A 300 -8.22 -8.33 -8.91
C PHE A 300 -7.66 -9.23 -10.02
N SER A 301 -8.28 -10.37 -10.28
CA SER A 301 -7.85 -11.19 -11.40
C SER A 301 -8.01 -10.48 -12.75
N GLN A 302 -9.10 -9.73 -12.89
CA GLN A 302 -9.36 -8.97 -14.10
C GLN A 302 -8.43 -7.77 -14.18
N LEU A 303 -8.23 -7.10 -13.04
CA LEU A 303 -7.30 -5.98 -12.99
C LEU A 303 -5.89 -6.41 -13.38
N HIS A 304 -5.46 -7.54 -12.84
CA HIS A 304 -4.11 -8.00 -13.16
C HIS A 304 -3.96 -8.30 -14.64
N ARG A 305 -4.94 -9.00 -15.21
CA ARG A 305 -4.87 -9.35 -16.62
C ARG A 305 -4.81 -8.11 -17.49
N PHE A 306 -5.59 -7.09 -17.13
CA PHE A 306 -5.60 -5.88 -17.93
C PHE A 306 -4.23 -5.18 -17.90
N LEU A 307 -3.65 -5.08 -16.72
CA LEU A 307 -2.40 -4.35 -16.55
C LEU A 307 -1.23 -5.11 -17.15
N ALA A 308 -1.30 -6.44 -17.06
CA ALA A 308 -0.20 -7.27 -17.50
C ALA A 308 -0.23 -7.50 -19.01
N GLU A 309 -1.43 -7.47 -19.59
CA GLU A 309 -1.57 -7.80 -21.00
C GLU A 309 -2.31 -6.75 -21.84
N ASP A 310 -3.61 -6.58 -21.61
CA ASP A 310 -4.43 -5.67 -22.42
C ASP A 310 -3.80 -4.31 -22.62
N ALA A 311 -3.35 -3.70 -21.52
CA ALA A 311 -2.80 -2.36 -21.53
C ALA A 311 -1.57 -2.21 -22.43
N LEU A 312 -0.94 -3.33 -22.80
CA LEU A 312 0.28 -3.27 -23.61
C LEU A 312 0.06 -2.82 -25.03
N ASN A 313 -1.20 -2.75 -25.46
CA ASN A 313 -1.44 -2.22 -26.80
C ASN A 313 -1.77 -0.73 -26.73
N THR A 314 -1.79 -0.20 -25.51
CA THR A 314 -1.98 1.23 -25.26
C THR A 314 -0.63 1.91 -25.07
N VAL A 315 0.44 1.19 -25.39
CA VAL A 315 1.79 1.75 -25.32
C VAL A 315 2.17 2.33 -26.67
#